data_5ZEV
#
_entry.id   5ZEV
#
_entity_poly.entity_id   1
_entity_poly.type   'polydeoxyribonucleotide'
_entity_poly.pdbx_seq_one_letter_code
;(DG)(DG)(DG)(DT)(DA)(DC)(DC)(DC)(DG)(DG)(DG)(DT)(DG)(DA)(DG)(DG)(DT)(DG)(DC)(DG)
(DG)(DG)(DG)(DT)
;
_entity_poly.pdbx_strand_id   A
#